data_9HJD
#
_entry.id   9HJD
#
_cell.length_a   1.00
_cell.length_b   1.00
_cell.length_c   1.00
_cell.angle_alpha   90.00
_cell.angle_beta   90.00
_cell.angle_gamma   90.00
#
_symmetry.space_group_name_H-M   'P 1'
#
loop_
_entity.id
_entity.type
_entity.pdbx_description
1 polymer Nb3.3
2 polymer 'Thiamine transporter 2'
3 non-polymer Domperidone
4 non-polymer 2-acetamido-2-deoxy-beta-D-glucopyranose
#
loop_
_entity_poly.entity_id
_entity_poly.type
_entity_poly.pdbx_seq_one_letter_code
_entity_poly.pdbx_strand_id
1 'polypeptide(L)'
;QVQLVESGGGLVQAGDSLRLSCAASGRTFSNYYMAWFRQAPGKEREFVAAIRLSYGSTYYADSVRGRFTISKDNAKNTVN
LRMNSLKSEDTAIYYCAAAEDRWALAVRTATTYNYWGQGTQVTVSSHHHHHHEPEA
;
B
2 'polypeptide(L)'
;MDCYRTSLSSSWIYPTVILCLFGFFSMMRPSEPFLIPYLSGPDKNLTSAEITNEIFPVWTYSYLVLLLPVFVLTDYVRYK
PVIILQGISFIITWLLLLFGQGVKTMQVVEFFYGMVTAAEVAYYAYIYSVVSPEHYQRVSGYCRSVTLAAYTAGSVLAQL
LVSLANMSYFYLNVISLASVSVAFLFSLFLPMPKKSMFFHAKPSREIKKSSSVNPVLEETHEGEAPGCEEQKPTSEILST
SGKLNKGQLNSLKPSNVTVDVFVQWFQDLKECYSSKRLFYWSLWWAFATAGFNQVLNYVQILWDYKAPSQDSSIYNGAVE
AIATFGGAVAAFAVGYVKVNWDLLGELALVVFSVVNAGSLFLMHYTANIWACYAGYLIFKSSYMLLITIAVFQIAVNLNV
ERYALVFGINTFIALVIQTIMTVIVVDQRGLNLPVSIQFLVYGSYFAVIAGIFLMRSMYITYSTKSQKDVQSPAPSENPD
VSHPEEESNIIMSTKLLEVLFQGPSSGWSHPQFEKGGGSGGGSGGSAWSHPQFEK
;
A
#
# COMPACT_ATOMS: atom_id res chain seq x y z
N GLN A 1 -7.00 18.17 -35.31
CA GLN A 1 -5.53 18.03 -35.42
C GLN A 1 -4.83 18.96 -34.43
N VAL A 2 -3.81 18.43 -33.77
CA VAL A 2 -2.95 19.21 -32.87
C VAL A 2 -1.52 19.04 -33.33
N GLN A 3 -0.85 20.16 -33.58
CA GLN A 3 0.49 20.16 -34.15
C GLN A 3 1.52 20.07 -33.04
N LEU A 4 2.43 19.11 -33.15
CA LEU A 4 3.54 18.95 -32.22
C LEU A 4 4.84 19.18 -32.97
N VAL A 5 5.84 19.72 -32.27
CA VAL A 5 7.14 20.01 -32.88
C VAL A 5 8.27 19.72 -31.91
N GLU A 6 9.08 18.71 -32.19
CA GLU A 6 10.24 18.48 -31.34
C GLU A 6 11.29 19.40 -31.84
N SER A 7 12.27 19.69 -31.01
CA SER A 7 13.39 20.53 -31.39
C SER A 7 14.46 20.42 -30.32
N GLY A 8 15.72 20.32 -30.78
CA GLY A 8 16.84 20.28 -29.89
C GLY A 8 17.59 18.97 -29.84
N GLY A 9 17.46 18.12 -30.85
CA GLY A 9 18.23 16.90 -30.87
C GLY A 9 19.36 16.94 -31.90
N GLY A 10 20.32 16.04 -31.71
CA GLY A 10 21.42 15.94 -32.64
C GLY A 10 22.52 15.06 -32.07
N LEU A 11 23.73 15.26 -32.60
CA LEU A 11 24.90 14.57 -32.11
C LEU A 11 25.17 14.95 -30.66
N VAL A 12 25.65 13.97 -29.89
CA VAL A 12 26.09 14.19 -28.52
C VAL A 12 27.14 13.13 -28.20
N GLN A 13 28.10 13.51 -27.37
CA GLN A 13 29.21 12.62 -27.04
C GLN A 13 28.83 11.65 -25.94
N ALA A 14 29.25 10.39 -26.10
CA ALA A 14 28.82 9.34 -25.19
C ALA A 14 29.19 9.69 -23.76
N GLY A 15 28.20 9.69 -22.88
CA GLY A 15 28.46 9.95 -21.47
C GLY A 15 28.13 11.38 -21.10
N ASP A 16 27.90 12.19 -22.10
CA ASP A 16 27.64 13.60 -21.84
C ASP A 16 26.14 13.87 -21.98
N SER A 17 25.72 15.13 -21.88
CA SER A 17 24.31 15.44 -21.65
C SER A 17 23.74 16.22 -22.81
N LEU A 18 22.41 16.23 -22.89
CA LEU A 18 21.65 16.92 -23.93
C LEU A 18 20.25 17.17 -23.41
N ARG A 19 19.57 18.16 -23.98
CA ARG A 19 18.21 18.51 -23.59
C ARG A 19 17.35 18.65 -24.84
N LEU A 20 16.29 17.85 -24.91
CA LEU A 20 15.32 17.90 -26.00
C LEU A 20 14.10 18.70 -25.57
N SER A 21 13.42 19.28 -26.55
CA SER A 21 12.27 20.13 -26.28
C SER A 21 11.20 19.88 -27.32
N CYS A 22 9.95 19.77 -26.86
CA CYS A 22 8.82 19.44 -27.73
C CYS A 22 7.83 20.59 -27.67
N ALA A 23 7.99 21.55 -28.60
CA ALA A 23 7.18 22.77 -28.59
C ALA A 23 5.79 22.48 -29.15
N ALA A 24 4.94 21.95 -28.28
CA ALA A 24 3.57 21.63 -28.68
C ALA A 24 2.85 22.90 -29.07
N SER A 25 1.83 22.76 -29.92
CA SER A 25 1.15 23.92 -30.47
C SER A 25 -0.27 23.56 -30.87
N GLY A 26 -1.03 24.58 -31.27
CA GLY A 26 -2.29 24.39 -31.93
C GLY A 26 -3.50 24.19 -31.04
N ARG A 27 -3.33 24.15 -29.75
CA ARG A 27 -4.47 24.05 -28.84
C ARG A 27 -4.11 24.25 -27.41
N THR A 28 -5.09 24.27 -26.55
CA THR A 28 -4.87 24.38 -25.12
C THR A 28 -4.38 23.04 -24.58
N PHE A 29 -3.48 23.10 -23.60
CA PHE A 29 -2.83 21.91 -23.07
C PHE A 29 -2.84 21.89 -21.54
N SER A 30 -3.96 22.27 -20.94
CA SER A 30 -4.12 22.14 -19.49
C SER A 30 -4.65 20.79 -19.07
N ASN A 31 -5.02 19.95 -20.04
CA ASN A 31 -5.56 18.62 -19.77
C ASN A 31 -4.94 17.66 -20.74
N TYR A 32 -3.63 17.61 -20.79
CA TYR A 32 -2.92 16.82 -21.78
C TYR A 32 -1.79 16.05 -21.15
N TYR A 33 -1.56 14.83 -21.64
CA TYR A 33 -0.31 14.13 -21.43
C TYR A 33 0.70 14.63 -22.45
N MET A 34 1.96 14.31 -22.22
CA MET A 34 3.01 14.62 -23.19
C MET A 34 4.17 13.70 -22.93
N ALA A 35 4.35 12.71 -23.80
CA ALA A 35 5.33 11.66 -23.55
C ALA A 35 6.26 11.56 -24.73
N TRP A 36 7.47 11.06 -24.45
CA TRP A 36 8.50 10.92 -25.46
C TRP A 36 8.72 9.44 -25.76
N PHE A 37 8.80 9.06 -27.04
CA PHE A 37 9.04 7.69 -27.44
C PHE A 37 10.19 7.74 -28.36
N ARG A 38 10.91 6.67 -28.57
CA ARG A 38 12.09 6.61 -29.42
C ARG A 38 12.07 5.34 -30.25
N GLN A 39 12.83 5.35 -31.35
CA GLN A 39 12.83 4.23 -32.29
C GLN A 39 14.25 4.08 -32.85
N ALA A 40 15.04 3.22 -32.24
CA ALA A 40 16.36 2.96 -32.78
C ALA A 40 16.26 2.07 -34.02
N PRO A 41 17.21 2.18 -34.95
CA PRO A 41 17.14 1.33 -36.15
C PRO A 41 17.04 -0.15 -35.84
N GLY A 42 16.05 -0.82 -36.43
CA GLY A 42 15.84 -2.24 -36.23
C GLY A 42 15.01 -2.61 -35.03
N LYS A 43 14.61 -1.65 -34.22
CA LYS A 43 13.82 -1.90 -33.02
C LYS A 43 12.42 -1.31 -33.16
N GLU A 44 11.57 -1.63 -32.19
CA GLU A 44 10.23 -1.07 -32.15
C GLU A 44 10.21 0.22 -31.34
N ARG A 45 9.15 0.99 -31.53
CA ARG A 45 8.99 2.24 -30.80
C ARG A 45 8.95 1.96 -29.30
N GLU A 46 9.74 2.69 -28.53
CA GLU A 46 9.88 2.46 -27.10
C GLU A 46 9.42 3.69 -26.33
N PHE A 47 8.87 3.46 -25.15
CA PHE A 47 8.49 4.56 -24.26
C PHE A 47 9.72 5.10 -23.54
N VAL A 48 9.77 6.42 -23.37
CA VAL A 48 10.92 7.09 -22.76
C VAL A 48 10.52 7.83 -21.48
N ALA A 49 9.48 8.67 -21.56
CA ALA A 49 9.02 9.40 -20.39
C ALA A 49 7.66 10.01 -20.69
N ALA A 50 6.99 10.46 -19.63
CA ALA A 50 5.67 11.08 -19.78
C ALA A 50 5.47 12.08 -18.65
N ILE A 51 4.64 13.09 -18.93
CA ILE A 51 4.27 14.10 -17.96
C ILE A 51 2.79 14.40 -18.11
N ARG A 52 2.08 14.42 -16.98
CA ARG A 52 0.67 14.78 -16.96
C ARG A 52 0.57 16.28 -16.66
N LEU A 53 0.29 17.07 -17.69
CA LEU A 53 0.36 18.52 -17.55
C LEU A 53 -0.65 19.06 -16.53
N SER A 54 -1.69 18.30 -16.21
CA SER A 54 -2.68 18.78 -15.26
C SER A 54 -2.16 18.72 -13.83
N TYR A 55 -1.89 17.51 -13.34
CA TYR A 55 -1.41 17.31 -11.98
C TYR A 55 0.11 17.35 -11.88
N GLY A 56 0.82 17.40 -12.99
CA GLY A 56 2.27 17.40 -12.94
C GLY A 56 2.89 16.05 -12.71
N SER A 57 2.10 14.98 -12.72
CA SER A 57 2.64 13.64 -12.54
C SER A 57 3.62 13.32 -13.66
N THR A 58 4.68 12.58 -13.32
CA THR A 58 5.70 12.19 -14.27
C THR A 58 5.98 10.70 -14.16
N TYR A 59 6.06 10.04 -15.31
CA TYR A 59 6.39 8.63 -15.40
C TYR A 59 7.65 8.47 -16.23
N TYR A 60 8.42 7.44 -15.93
CA TYR A 60 9.66 7.18 -16.66
C TYR A 60 9.79 5.70 -16.96
N ALA A 61 10.49 5.39 -18.05
CA ALA A 61 10.84 4.01 -18.34
C ALA A 61 12.07 3.61 -17.53
N ASP A 62 12.13 2.35 -17.13
CA ASP A 62 13.21 1.89 -16.27
C ASP A 62 14.58 2.03 -16.92
N SER A 63 14.65 2.10 -18.25
CA SER A 63 15.93 2.24 -18.92
C SER A 63 16.50 3.65 -18.80
N VAL A 64 15.69 4.63 -18.39
CA VAL A 64 16.12 6.02 -18.30
C VAL A 64 15.88 6.62 -16.92
N ARG A 65 15.20 5.92 -16.02
CA ARG A 65 14.89 6.45 -14.70
C ARG A 65 16.16 6.94 -14.01
N GLY A 66 16.10 8.16 -13.48
CA GLY A 66 17.23 8.74 -12.80
C GLY A 66 18.18 9.47 -13.72
N ARG A 67 18.29 9.01 -14.97
CA ARG A 67 19.19 9.66 -15.92
C ARG A 67 18.47 10.79 -16.65
N PHE A 68 17.25 10.54 -17.11
CA PHE A 68 16.45 11.57 -17.76
C PHE A 68 15.55 12.24 -16.74
N THR A 69 15.14 13.46 -17.06
CA THR A 69 14.18 14.17 -16.23
C THR A 69 13.35 15.07 -17.13
N ILE A 70 12.03 14.99 -16.96
CA ILE A 70 11.08 15.67 -17.82
C ILE A 70 10.37 16.72 -17.00
N SER A 71 10.22 17.93 -17.57
CA SER A 71 9.58 19.03 -16.87
C SER A 71 8.82 19.86 -17.88
N LYS A 72 7.79 20.54 -17.40
CA LYS A 72 6.94 21.39 -18.22
C LYS A 72 7.30 22.84 -17.97
N ASP A 73 7.58 23.58 -19.03
CA ASP A 73 7.70 25.04 -18.97
C ASP A 73 6.33 25.63 -19.28
N ASN A 74 5.48 25.74 -18.28
CA ASN A 74 4.11 26.19 -18.53
C ASN A 74 3.99 27.53 -19.24
N ALA A 75 4.80 28.51 -18.85
CA ALA A 75 4.62 29.82 -19.44
C ALA A 75 4.83 29.82 -20.96
N LYS A 76 5.41 28.77 -21.52
CA LYS A 76 5.72 28.73 -22.94
C LYS A 76 5.18 27.51 -23.67
N ASN A 77 4.64 26.52 -22.94
CA ASN A 77 4.06 25.33 -23.57
C ASN A 77 5.09 24.34 -24.04
N THR A 78 6.36 24.70 -23.93
CA THR A 78 7.42 23.84 -24.44
C THR A 78 7.87 22.81 -23.41
N VAL A 79 7.38 21.58 -23.54
CA VAL A 79 7.79 20.49 -22.66
C VAL A 79 9.23 20.13 -22.95
N ASN A 80 9.94 19.82 -21.89
CA ASN A 80 11.32 19.54 -22.04
C ASN A 80 11.73 18.21 -21.51
N LEU A 81 12.71 17.61 -22.15
CA LEU A 81 13.30 16.36 -21.71
C LEU A 81 14.79 16.61 -21.55
N ARG A 82 15.29 16.43 -20.34
CA ARG A 82 16.70 16.65 -20.06
C ARG A 82 17.38 15.30 -19.86
N MET A 83 18.25 14.94 -20.81
CA MET A 83 18.96 13.67 -20.77
C MET A 83 20.33 13.92 -20.16
N ASN A 84 20.58 13.27 -19.05
CA ASN A 84 21.88 13.40 -18.43
C ASN A 84 22.60 12.08 -18.59
N SER A 85 23.91 12.15 -18.73
CA SER A 85 24.73 10.95 -18.89
C SER A 85 24.18 10.05 -19.98
N LEU A 86 24.17 10.53 -21.21
CA LEU A 86 23.70 9.73 -22.32
C LEU A 86 24.70 8.62 -22.52
N LYS A 87 24.27 7.40 -22.76
CA LYS A 87 25.13 6.27 -23.04
C LYS A 87 24.95 5.80 -24.48
N SER A 88 25.89 4.97 -24.94
CA SER A 88 25.90 4.56 -26.34
C SER A 88 24.57 3.93 -26.74
N GLU A 89 23.84 3.36 -25.80
CA GLU A 89 22.59 2.67 -26.15
C GLU A 89 21.49 3.66 -26.45
N ASP A 90 21.71 4.93 -26.11
CA ASP A 90 20.67 5.93 -26.30
C ASP A 90 20.56 6.45 -27.72
N THR A 91 21.40 6.00 -28.65
CA THR A 91 21.19 6.37 -30.05
C THR A 91 19.77 6.00 -30.44
N ALA A 92 19.06 6.93 -31.06
CA ALA A 92 17.65 6.72 -31.34
C ALA A 92 17.14 7.89 -32.15
N ILE A 93 15.85 7.84 -32.49
CA ILE A 93 15.10 8.99 -32.97
C ILE A 93 13.95 9.21 -31.99
N TYR A 94 13.84 10.42 -31.46
CA TYR A 94 12.94 10.70 -30.35
C TYR A 94 11.70 11.42 -30.85
N TYR A 95 10.53 10.89 -30.52
CA TYR A 95 9.26 11.50 -30.87
C TYR A 95 8.56 11.96 -29.61
N CYS A 96 7.81 13.06 -29.71
CA CYS A 96 6.98 13.55 -28.61
C CYS A 96 5.53 13.46 -29.03
N ALA A 97 4.71 12.84 -28.18
CA ALA A 97 3.33 12.55 -28.52
C ALA A 97 2.43 12.99 -27.37
N ALA A 98 1.16 13.23 -27.70
CA ALA A 98 0.21 13.77 -26.73
C ALA A 98 -1.11 13.01 -26.82
N ALA A 99 -1.87 13.03 -25.73
CA ALA A 99 -3.19 12.42 -25.68
C ALA A 99 -4.06 13.19 -24.71
N GLU A 100 -5.32 13.39 -25.08
CA GLU A 100 -6.27 14.06 -24.20
C GLU A 100 -6.44 13.24 -22.93
N ASP A 101 -6.28 13.89 -21.78
CA ASP A 101 -6.35 13.19 -20.50
C ASP A 101 -7.77 12.70 -20.27
N ARG A 102 -7.96 11.38 -20.22
CA ARG A 102 -9.30 10.81 -20.12
C ARG A 102 -9.24 9.50 -19.35
N TRP A 103 -10.43 8.93 -19.12
CA TRP A 103 -10.56 7.72 -18.32
C TRP A 103 -9.83 6.55 -18.97
N ALA A 104 -9.16 5.75 -18.13
CA ALA A 104 -8.53 4.51 -18.57
C ALA A 104 -7.48 4.75 -19.65
N LEU A 105 -6.56 5.69 -19.43
CA LEU A 105 -5.50 5.96 -20.39
C LEU A 105 -4.27 5.14 -20.01
N ALA A 106 -3.76 4.37 -20.95
CA ALA A 106 -2.52 3.62 -20.76
C ALA A 106 -1.36 4.52 -21.16
N VAL A 107 -0.65 5.03 -20.14
CA VAL A 107 0.37 6.04 -20.39
C VAL A 107 1.50 5.46 -21.23
N ARG A 108 1.91 4.22 -20.96
CA ARG A 108 3.12 3.65 -21.51
C ARG A 108 2.90 2.93 -22.85
N THR A 109 1.70 2.98 -23.40
CA THR A 109 1.37 2.24 -24.62
C THR A 109 1.43 3.20 -25.80
N ALA A 110 2.28 2.88 -26.77
CA ALA A 110 2.49 3.77 -27.91
C ALA A 110 1.25 3.94 -28.77
N THR A 111 0.27 3.04 -28.64
CA THR A 111 -0.95 3.16 -29.43
C THR A 111 -1.95 4.10 -28.79
N THR A 112 -1.68 4.59 -27.59
CA THR A 112 -2.64 5.45 -26.90
C THR A 112 -2.66 6.86 -27.46
N TYR A 113 -1.56 7.31 -28.05
CA TYR A 113 -1.36 8.73 -28.29
C TYR A 113 -1.92 9.15 -29.65
N ASN A 114 -2.70 10.18 -29.70
CA ASN A 114 -3.29 10.53 -30.96
C ASN A 114 -2.36 11.34 -31.82
N TYR A 115 -1.50 12.17 -31.22
CA TYR A 115 -0.69 13.09 -32.00
C TYR A 115 0.79 12.78 -31.83
N TRP A 116 1.53 12.85 -32.93
CA TRP A 116 2.95 12.53 -32.94
C TRP A 116 3.72 13.64 -33.64
N GLY A 117 4.95 13.87 -33.19
CA GLY A 117 5.82 14.82 -33.82
C GLY A 117 6.74 14.16 -34.83
N GLN A 118 7.32 14.98 -35.71
CA GLN A 118 8.12 14.46 -36.80
C GLN A 118 9.41 13.79 -36.32
N GLY A 119 9.77 13.94 -35.06
CA GLY A 119 10.94 13.31 -34.53
C GLY A 119 12.21 14.09 -34.82
N THR A 120 13.26 13.77 -34.07
CA THR A 120 14.56 14.39 -34.22
C THR A 120 15.62 13.47 -33.64
N GLN A 121 16.63 13.13 -34.44
CA GLN A 121 17.59 12.13 -34.01
C GLN A 121 18.41 12.61 -32.83
N VAL A 122 18.86 11.67 -32.02
CA VAL A 122 19.84 11.92 -30.96
C VAL A 122 20.94 10.88 -31.17
N THR A 123 21.96 11.23 -31.94
CA THR A 123 23.01 10.27 -32.29
C THR A 123 24.06 10.30 -31.19
N VAL A 124 23.95 9.36 -30.25
CA VAL A 124 24.83 9.37 -29.09
C VAL A 124 26.12 8.66 -29.49
N SER A 125 27.03 9.39 -30.12
CA SER A 125 28.23 8.77 -30.65
C SER A 125 29.28 8.57 -29.55
N SER A 126 30.11 7.55 -29.74
CA SER A 126 31.22 7.27 -28.84
C SER A 126 32.49 7.15 -29.65
N HIS A 127 33.54 7.83 -29.21
CA HIS A 127 34.78 7.92 -29.97
C HIS A 127 35.44 6.54 -30.11
N SER B 11 2.76 -28.89 27.72
CA SER B 11 1.36 -28.39 27.75
C SER B 11 1.18 -27.28 26.70
N TRP B 12 0.80 -26.09 27.13
CA TRP B 12 0.56 -25.00 26.20
C TRP B 12 1.70 -23.99 26.14
N ILE B 13 2.84 -24.29 26.75
CA ILE B 13 3.91 -23.31 26.86
C ILE B 13 4.73 -23.27 25.57
N TYR B 14 5.37 -24.39 25.22
CA TYR B 14 6.33 -24.37 24.12
C TYR B 14 5.69 -23.94 22.81
N PRO B 15 4.60 -24.53 22.35
CA PRO B 15 3.90 -23.98 21.17
C PRO B 15 3.35 -22.59 21.38
N THR B 16 3.52 -21.96 22.55
CA THR B 16 3.10 -20.55 22.74
C THR B 16 4.31 -19.63 22.82
N VAL B 17 5.39 -20.05 23.47
CA VAL B 17 6.60 -19.23 23.45
C VAL B 17 7.17 -19.16 22.04
N ILE B 18 7.21 -20.30 21.33
CA ILE B 18 7.78 -20.28 19.98
C ILE B 18 6.94 -19.41 19.06
N LEU B 19 5.63 -19.59 19.10
CA LEU B 19 4.77 -18.82 18.22
C LEU B 19 4.82 -17.33 18.55
N CYS B 20 4.98 -16.96 19.81
CA CYS B 20 4.99 -15.54 20.16
C CYS B 20 6.31 -14.93 19.76
N LEU B 21 7.41 -15.67 19.90
CA LEU B 21 8.68 -15.15 19.40
C LEU B 21 8.64 -14.96 17.89
N PHE B 22 8.05 -15.90 17.16
CA PHE B 22 7.86 -15.72 15.73
C PHE B 22 7.05 -14.45 15.46
N GLY B 23 5.91 -14.30 16.14
CA GLY B 23 5.06 -13.14 15.89
C GLY B 23 5.74 -11.83 16.22
N PHE B 24 6.58 -11.82 17.25
CA PHE B 24 7.35 -10.63 17.60
C PHE B 24 8.34 -10.30 16.50
N PHE B 25 9.28 -11.21 16.25
CA PHE B 25 10.38 -10.88 15.36
C PHE B 25 9.90 -10.64 13.93
N SER B 26 8.82 -11.30 13.49
CA SER B 26 8.34 -11.05 12.13
C SER B 26 7.79 -9.65 11.99
N MET B 27 7.10 -9.14 13.01
CA MET B 27 6.42 -7.87 12.93
C MET B 27 7.31 -6.68 13.31
N MET B 28 8.51 -6.92 13.82
CA MET B 28 9.44 -5.84 14.15
C MET B 28 10.24 -5.50 12.92
N ARG B 29 9.72 -4.58 12.11
CA ARG B 29 10.34 -4.15 10.86
C ARG B 29 10.47 -2.64 10.89
N PRO B 30 11.61 -2.11 11.35
CA PRO B 30 11.72 -0.65 11.50
C PRO B 30 11.57 0.12 10.21
N SER B 31 11.71 -0.51 9.04
CA SER B 31 11.73 0.22 7.79
C SER B 31 10.34 0.52 7.24
N GLU B 32 9.30 -0.14 7.74
CA GLU B 32 7.97 0.08 7.19
C GLU B 32 7.50 1.52 7.27
N PRO B 33 7.69 2.25 8.38
CA PRO B 33 7.20 3.64 8.41
C PRO B 33 7.76 4.51 7.32
N PHE B 34 9.02 4.33 6.94
CA PHE B 34 9.69 5.17 5.95
C PHE B 34 9.71 4.53 4.58
N LEU B 35 8.64 3.83 4.22
CA LEU B 35 8.61 3.14 2.93
C LEU B 35 8.64 4.13 1.77
N ILE B 36 7.72 5.08 1.77
CA ILE B 36 7.62 6.05 0.68
C ILE B 36 8.87 6.92 0.63
N PRO B 37 9.33 7.48 1.74
CA PRO B 37 10.59 8.23 1.70
C PRO B 37 11.75 7.42 1.19
N TYR B 38 11.77 6.10 1.42
CA TYR B 38 12.83 5.27 0.87
C TYR B 38 12.69 5.11 -0.63
N LEU B 39 11.48 4.78 -1.10
CA LEU B 39 11.29 4.48 -2.51
C LEU B 39 11.54 5.71 -3.38
N SER B 40 10.95 6.84 -3.01
CA SER B 40 10.99 8.02 -3.85
C SER B 40 12.28 8.83 -3.71
N GLY B 41 13.15 8.46 -2.78
CA GLY B 41 14.40 9.16 -2.60
C GLY B 41 15.44 8.70 -3.58
N PRO B 42 16.68 9.19 -3.39
CA PRO B 42 17.77 8.77 -4.28
C PRO B 42 18.07 7.29 -4.23
N ASP B 43 17.48 6.55 -3.28
CA ASP B 43 17.71 5.11 -3.23
C ASP B 43 17.09 4.40 -4.43
N LYS B 44 15.89 4.83 -4.84
CA LYS B 44 15.18 4.18 -5.96
C LYS B 44 14.69 5.13 -7.06
N ASN B 45 14.62 6.42 -6.81
CA ASN B 45 14.26 7.39 -7.85
C ASN B 45 12.86 7.19 -8.43
N LEU B 46 12.03 6.41 -7.76
CA LEU B 46 10.65 6.23 -8.22
C LEU B 46 9.84 7.48 -7.93
N THR B 47 8.96 7.84 -8.85
CA THR B 47 8.13 9.02 -8.68
C THR B 47 6.93 8.69 -7.80
N SER B 48 6.31 9.75 -7.28
CA SER B 48 5.11 9.57 -6.48
C SER B 48 3.96 9.02 -7.32
N ALA B 49 3.83 9.49 -8.56
CA ALA B 49 2.76 9.01 -9.42
C ALA B 49 2.91 7.52 -9.71
N GLU B 50 4.11 7.07 -10.04
CA GLU B 50 4.30 5.66 -10.26
C GLU B 50 3.97 4.85 -9.01
N ILE B 51 4.52 5.23 -7.85
CA ILE B 51 4.27 4.48 -6.63
C ILE B 51 2.77 4.37 -6.38
N THR B 52 2.06 5.49 -6.51
CA THR B 52 0.66 5.50 -6.09
C THR B 52 -0.26 4.88 -7.14
N ASN B 53 0.14 4.84 -8.40
CA ASN B 53 -0.79 4.38 -9.45
C ASN B 53 -0.38 3.17 -10.26
N GLU B 54 0.78 2.58 -9.97
CA GLU B 54 1.18 1.37 -10.68
C GLU B 54 1.72 0.28 -9.76
N ILE B 55 2.43 0.66 -8.69
CA ILE B 55 3.07 -0.31 -7.81
C ILE B 55 2.11 -0.73 -6.71
N PHE B 56 1.69 0.22 -5.88
CA PHE B 56 0.92 -0.13 -4.70
C PHE B 56 -0.37 -0.89 -5.00
N PRO B 57 -1.14 -0.58 -6.03
CA PRO B 57 -2.40 -1.32 -6.26
C PRO B 57 -2.19 -2.82 -6.37
N VAL B 58 -1.00 -3.29 -6.74
CA VAL B 58 -0.78 -4.71 -6.92
C VAL B 58 -0.94 -5.49 -5.63
N TRP B 59 -0.69 -4.87 -4.47
CA TRP B 59 -0.81 -5.59 -3.21
C TRP B 59 -2.23 -6.06 -2.99
N THR B 60 -3.21 -5.22 -3.29
CA THR B 60 -4.61 -5.60 -3.12
C THR B 60 -4.96 -6.78 -4.02
N TYR B 61 -4.51 -6.75 -5.27
CA TYR B 61 -4.88 -7.79 -6.23
C TYR B 61 -4.27 -9.13 -5.86
N SER B 62 -2.97 -9.15 -5.56
CA SER B 62 -2.32 -10.40 -5.20
C SER B 62 -2.91 -10.97 -3.91
N TYR B 63 -3.17 -10.10 -2.93
CA TYR B 63 -3.77 -10.56 -1.68
C TYR B 63 -5.15 -11.15 -1.93
N LEU B 64 -5.96 -10.49 -2.75
CA LEU B 64 -7.29 -11.00 -3.07
C LEU B 64 -7.20 -12.37 -3.74
N VAL B 65 -6.29 -12.50 -4.70
CA VAL B 65 -6.17 -13.76 -5.43
C VAL B 65 -5.71 -14.88 -4.49
N LEU B 66 -4.74 -14.58 -3.63
CA LEU B 66 -4.10 -15.60 -2.82
C LEU B 66 -4.83 -15.88 -1.51
N LEU B 67 -5.86 -15.11 -1.17
CA LEU B 67 -6.54 -15.32 0.11
C LEU B 67 -7.11 -16.73 0.21
N LEU B 68 -8.10 -17.06 -0.62
CA LEU B 68 -8.79 -18.33 -0.46
C LEU B 68 -7.89 -19.54 -0.67
N PRO B 69 -7.09 -19.63 -1.73
CA PRO B 69 -6.21 -20.81 -1.87
C PRO B 69 -5.33 -21.02 -0.66
N VAL B 70 -4.78 -19.95 -0.08
CA VAL B 70 -3.96 -20.10 1.11
C VAL B 70 -4.81 -20.56 2.29
N PHE B 71 -6.05 -20.06 2.38
CA PHE B 71 -6.93 -20.47 3.48
C PHE B 71 -7.17 -21.98 3.43
N VAL B 72 -7.45 -22.51 2.25
CA VAL B 72 -7.68 -23.95 2.14
C VAL B 72 -6.40 -24.74 2.35
N LEU B 73 -5.29 -24.24 1.79
CA LEU B 73 -4.01 -24.96 1.90
C LEU B 73 -3.58 -25.07 3.36
N THR B 74 -3.73 -24.00 4.13
CA THR B 74 -3.35 -24.03 5.53
C THR B 74 -4.04 -25.18 6.25
N ASP B 75 -5.36 -25.25 6.14
CA ASP B 75 -6.10 -26.28 6.86
C ASP B 75 -5.78 -27.68 6.33
N TYR B 76 -5.60 -27.85 5.02
CA TYR B 76 -5.21 -29.17 4.53
C TYR B 76 -3.80 -29.53 4.97
N VAL B 77 -2.91 -28.55 5.06
CA VAL B 77 -1.50 -28.82 5.34
C VAL B 77 -1.16 -28.64 6.82
N ARG B 78 -2.11 -28.22 7.65
CA ARG B 78 -1.92 -28.12 9.10
C ARG B 78 -0.92 -27.02 9.48
N TYR B 79 -1.19 -25.82 8.96
CA TYR B 79 -0.70 -24.56 9.53
C TYR B 79 0.80 -24.28 9.49
N LYS B 80 1.61 -25.12 10.11
CA LYS B 80 3.04 -24.83 10.18
C LYS B 80 3.65 -24.59 8.80
N PRO B 81 3.48 -25.53 7.84
CA PRO B 81 4.10 -25.25 6.54
C PRO B 81 3.69 -23.92 5.93
N VAL B 82 2.45 -23.49 6.14
CA VAL B 82 2.06 -22.17 5.66
C VAL B 82 2.81 -21.07 6.42
N ILE B 83 3.05 -21.26 7.71
CA ILE B 83 3.86 -20.27 8.44
C ILE B 83 5.26 -20.23 7.86
N ILE B 84 5.82 -21.40 7.54
CA ILE B 84 7.15 -21.44 6.92
C ILE B 84 7.13 -20.69 5.59
N LEU B 85 6.06 -20.88 4.82
CA LEU B 85 5.93 -20.15 3.56
C LEU B 85 5.89 -18.65 3.80
N GLN B 86 5.19 -18.21 4.87
CA GLN B 86 5.15 -16.80 5.19
C GLN B 86 6.54 -16.25 5.52
N GLY B 87 7.33 -17.03 6.27
CA GLY B 87 8.70 -16.60 6.54
C GLY B 87 9.52 -16.46 5.27
N ILE B 88 9.41 -17.45 4.38
CA ILE B 88 10.13 -17.39 3.12
C ILE B 88 9.70 -16.17 2.32
N SER B 89 8.40 -15.88 2.31
CA SER B 89 7.90 -14.72 1.59
C SER B 89 8.40 -13.42 2.20
N PHE B 90 8.48 -13.33 3.53
CA PHE B 90 9.11 -12.18 4.15
C PHE B 90 10.51 -11.98 3.62
N ILE B 91 11.30 -13.05 3.63
CA ILE B 91 12.70 -12.94 3.21
C ILE B 91 12.77 -12.47 1.76
N ILE B 92 11.96 -13.06 0.88
CA ILE B 92 12.02 -12.71 -0.54
C ILE B 92 11.57 -11.27 -0.77
N THR B 93 10.47 -10.86 -0.11
CA THR B 93 9.98 -9.51 -0.27
C THR B 93 11.03 -8.50 0.14
N TRP B 94 11.69 -8.72 1.27
CA TRP B 94 12.66 -7.73 1.71
C TRP B 94 13.95 -7.79 0.90
N LEU B 95 14.33 -8.96 0.39
CA LEU B 95 15.47 -9.01 -0.52
C LEU B 95 15.19 -8.18 -1.77
N LEU B 96 14.01 -8.34 -2.36
CA LEU B 96 13.67 -7.54 -3.54
C LEU B 96 13.59 -6.06 -3.20
N LEU B 97 13.00 -5.73 -2.04
CA LEU B 97 12.86 -4.33 -1.66
C LEU B 97 14.21 -3.66 -1.45
N LEU B 98 15.17 -4.38 -0.87
CA LEU B 98 16.52 -3.87 -0.74
C LEU B 98 17.17 -3.69 -2.10
N PHE B 99 17.28 -4.78 -2.87
CA PHE B 99 18.10 -4.78 -4.08
C PHE B 99 17.31 -4.55 -5.36
N GLY B 100 16.05 -4.97 -5.41
CA GLY B 100 15.28 -4.79 -6.62
C GLY B 100 15.16 -3.33 -7.00
N GLN B 101 15.18 -3.07 -8.31
CA GLN B 101 15.02 -1.70 -8.78
C GLN B 101 14.10 -1.61 -9.96
N GLY B 102 13.49 -0.45 -10.14
CA GLY B 102 12.54 -0.22 -11.20
C GLY B 102 11.12 -0.60 -10.80
N VAL B 103 10.18 -0.13 -11.62
CA VAL B 103 8.77 -0.40 -11.36
C VAL B 103 8.46 -1.88 -11.58
N LYS B 104 9.10 -2.48 -12.59
CA LYS B 104 8.77 -3.87 -12.94
C LYS B 104 9.04 -4.81 -11.79
N THR B 105 10.03 -4.50 -10.94
CA THR B 105 10.33 -5.35 -9.80
C THR B 105 9.47 -5.01 -8.59
N MET B 106 9.04 -3.75 -8.48
CA MET B 106 8.23 -3.36 -7.34
C MET B 106 6.87 -4.03 -7.38
N GLN B 107 6.35 -4.30 -8.57
CA GLN B 107 5.10 -5.03 -8.66
C GLN B 107 5.25 -6.46 -8.13
N VAL B 108 6.38 -7.10 -8.44
CA VAL B 108 6.66 -8.41 -7.88
C VAL B 108 6.80 -8.34 -6.37
N VAL B 109 7.44 -7.28 -5.87
CA VAL B 109 7.56 -7.08 -4.43
C VAL B 109 6.18 -6.99 -3.80
N GLU B 110 5.29 -6.22 -4.43
CA GLU B 110 3.93 -6.09 -3.92
C GLU B 110 3.19 -7.42 -3.94
N PHE B 111 3.38 -8.22 -4.99
CA PHE B 111 2.74 -9.52 -5.04
C PHE B 111 3.23 -10.41 -3.91
N PHE B 112 4.54 -10.43 -3.67
CA PHE B 112 5.07 -11.27 -2.61
C PHE B 112 4.61 -10.78 -1.24
N TYR B 113 4.45 -9.46 -1.07
CA TYR B 113 3.89 -8.97 0.18
C TYR B 113 2.42 -9.35 0.32
N GLY B 114 1.69 -9.39 -0.79
CA GLY B 114 0.31 -9.87 -0.73
C GLY B 114 0.26 -11.33 -0.32
N MET B 115 1.21 -12.13 -0.80
CA MET B 115 1.33 -13.50 -0.30
C MET B 115 1.65 -13.51 1.18
N VAL B 116 2.52 -12.61 1.63
CA VAL B 116 2.89 -12.54 3.05
C VAL B 116 1.67 -12.27 3.90
N THR B 117 0.84 -11.29 3.51
CA THR B 117 -0.33 -10.95 4.30
C THR B 117 -1.35 -12.08 4.30
N ALA B 118 -1.56 -12.72 3.16
CA ALA B 118 -2.56 -13.79 3.09
C ALA B 118 -2.19 -14.95 4.01
N ALA B 119 -0.90 -15.17 4.23
CA ALA B 119 -0.45 -16.27 5.07
C ALA B 119 -0.64 -15.98 6.56
N GLU B 120 -1.04 -14.77 6.94
CA GLU B 120 -1.23 -14.46 8.34
C GLU B 120 -2.30 -15.33 8.98
N VAL B 121 -3.16 -15.93 8.16
CA VAL B 121 -4.19 -16.83 8.70
C VAL B 121 -3.53 -18.00 9.42
N ALA B 122 -2.50 -18.57 8.82
CA ALA B 122 -1.86 -19.75 9.39
C ALA B 122 -1.03 -19.44 10.62
N TYR B 123 -0.89 -18.16 10.98
CA TYR B 123 -0.21 -17.81 12.22
C TYR B 123 -1.18 -17.77 13.39
N TYR B 124 -2.23 -16.96 13.28
CA TYR B 124 -3.15 -16.78 14.39
C TYR B 124 -3.93 -18.05 14.70
N ALA B 125 -4.31 -18.81 13.67
CA ALA B 125 -5.11 -20.00 13.88
C ALA B 125 -4.30 -21.21 14.30
N TYR B 126 -2.98 -21.16 14.24
CA TYR B 126 -2.18 -22.34 14.55
C TYR B 126 -2.29 -22.75 15.96
N ILE B 127 -2.42 -21.81 16.88
CA ILE B 127 -2.39 -22.15 18.30
C ILE B 127 -3.60 -22.97 18.71
N TYR B 128 -4.73 -22.73 18.07
CA TYR B 128 -5.93 -23.47 18.40
C TYR B 128 -5.76 -24.96 18.19
N SER B 129 -5.03 -25.34 17.16
CA SER B 129 -4.88 -26.74 16.78
C SER B 129 -3.95 -27.52 17.71
N VAL B 130 -3.12 -26.84 18.49
CA VAL B 130 -2.14 -27.53 19.33
C VAL B 130 -2.26 -27.21 20.81
N VAL B 131 -3.09 -26.24 21.21
CA VAL B 131 -3.28 -25.88 22.63
C VAL B 131 -4.59 -26.43 23.10
N SER B 132 -4.75 -26.67 24.39
CA SER B 132 -5.95 -27.30 24.87
C SER B 132 -7.03 -26.28 24.71
N PRO B 133 -8.28 -26.58 25.10
CA PRO B 133 -9.29 -25.51 25.03
C PRO B 133 -9.37 -24.72 26.31
N GLU B 134 -8.57 -25.09 27.31
CA GLU B 134 -8.54 -24.36 28.57
C GLU B 134 -7.35 -23.42 28.59
N HIS B 135 -6.65 -23.29 27.49
CA HIS B 135 -5.59 -22.32 27.39
C HIS B 135 -5.75 -21.61 26.07
N TYR B 136 -6.91 -21.75 25.43
CA TYR B 136 -7.17 -21.11 24.15
C TYR B 136 -7.51 -19.70 24.40
N GLN B 137 -8.48 -19.49 25.26
CA GLN B 137 -8.98 -18.14 25.53
C GLN B 137 -7.87 -17.15 25.83
N ARG B 138 -6.92 -17.52 26.67
CA ARG B 138 -5.91 -16.54 27.06
C ARG B 138 -4.78 -16.48 26.05
N VAL B 139 -4.30 -17.63 25.57
CA VAL B 139 -3.14 -17.62 24.69
C VAL B 139 -3.42 -16.85 23.41
N SER B 140 -4.69 -16.74 23.00
CA SER B 140 -5.00 -15.85 21.89
C SER B 140 -4.56 -14.42 22.21
N GLY B 141 -4.81 -13.98 23.44
CA GLY B 141 -4.38 -12.65 23.84
C GLY B 141 -2.88 -12.47 23.82
N TYR B 142 -2.13 -13.45 24.30
CA TYR B 142 -0.67 -13.37 24.21
C TYR B 142 -0.22 -13.24 22.77
N CYS B 143 -0.78 -14.03 21.87
CA CYS B 143 -0.30 -13.98 20.48
C CYS B 143 -0.66 -12.67 19.82
N ARG B 144 -1.81 -12.08 20.15
CA ARG B 144 -2.12 -10.76 19.59
C ARG B 144 -1.19 -9.69 20.18
N SER B 145 -1.03 -9.69 21.50
CA SER B 145 -0.30 -8.62 22.16
C SER B 145 1.17 -8.63 21.77
N VAL B 146 1.76 -9.82 21.57
CA VAL B 146 3.17 -9.85 21.20
C VAL B 146 3.39 -9.17 19.86
N THR B 147 2.55 -9.46 18.87
CA THR B 147 2.70 -8.81 17.56
C THR B 147 2.43 -7.32 17.66
N LEU B 148 1.43 -6.91 18.45
CA LEU B 148 1.16 -5.47 18.56
C LEU B 148 2.33 -4.73 19.22
N ALA B 149 2.90 -5.31 20.28
CA ALA B 149 4.05 -4.70 20.93
C ALA B 149 5.24 -4.64 19.99
N ALA B 150 5.44 -5.70 19.19
CA ALA B 150 6.52 -5.67 18.21
C ALA B 150 6.31 -4.55 17.20
N TYR B 151 5.08 -4.38 16.74
CA TYR B 151 4.79 -3.32 15.81
C TYR B 151 5.15 -1.96 16.40
N THR B 152 4.66 -1.66 17.60
CA THR B 152 4.93 -0.35 18.20
C THR B 152 6.41 -0.16 18.47
N ALA B 153 7.08 -1.19 18.95
CA ALA B 153 8.51 -1.08 19.24
C ALA B 153 9.29 -0.80 17.97
N GLY B 154 8.96 -1.50 16.88
CA GLY B 154 9.64 -1.23 15.62
C GLY B 154 9.41 0.19 15.14
N SER B 155 8.16 0.68 15.24
CA SER B 155 7.89 2.04 14.80
C SER B 155 8.67 3.06 15.62
N VAL B 156 8.72 2.88 16.95
CA VAL B 156 9.48 3.82 17.78
C VAL B 156 10.97 3.74 17.46
N LEU B 157 11.49 2.53 17.28
CA LEU B 157 12.91 2.37 17.01
C LEU B 157 13.28 3.05 15.69
N ALA B 158 12.42 2.96 14.68
CA ALA B 158 12.71 3.58 13.40
C ALA B 158 13.01 5.06 13.59
N GLN B 159 12.08 5.78 14.23
CA GLN B 159 12.27 7.22 14.40
C GLN B 159 13.43 7.53 15.34
N LEU B 160 13.58 6.77 16.43
CA LEU B 160 14.71 7.00 17.31
C LEU B 160 16.01 6.96 16.52
N LEU B 161 16.20 5.90 15.73
CA LEU B 161 17.43 5.79 14.95
C LEU B 161 17.54 6.91 13.93
N VAL B 162 16.49 7.15 13.16
CA VAL B 162 16.59 8.11 12.07
C VAL B 162 16.96 9.49 12.61
N SER B 163 16.41 9.89 13.75
CA SER B 163 16.63 11.26 14.23
C SER B 163 17.77 11.44 15.24
N LEU B 164 18.17 10.40 15.94
CA LEU B 164 19.29 10.54 16.86
C LEU B 164 20.56 9.83 16.40
N ALA B 165 20.54 9.14 15.26
CA ALA B 165 21.70 8.43 14.75
C ALA B 165 22.02 8.75 13.30
N ASN B 166 21.06 9.26 12.54
CA ASN B 166 21.32 9.68 11.17
C ASN B 166 21.58 8.50 10.27
N MET B 167 20.75 7.47 10.35
CA MET B 167 20.87 6.30 9.48
C MET B 167 19.96 6.44 8.26
N SER B 168 20.53 6.21 7.09
CA SER B 168 19.76 6.28 5.86
C SER B 168 18.67 5.21 5.87
N TYR B 169 17.67 5.40 5.01
CA TYR B 169 16.54 4.47 4.98
C TYR B 169 16.93 3.08 4.49
N PHE B 170 18.08 2.94 3.86
CA PHE B 170 18.51 1.61 3.42
C PHE B 170 18.83 0.72 4.61
N TYR B 171 19.48 1.28 5.63
CA TYR B 171 19.85 0.48 6.78
C TYR B 171 18.65 0.07 7.61
N LEU B 172 17.57 0.85 7.59
CA LEU B 172 16.35 0.38 8.24
C LEU B 172 15.83 -0.88 7.56
N ASN B 173 15.92 -0.94 6.22
CA ASN B 173 15.49 -2.14 5.50
C ASN B 173 16.43 -3.29 5.81
N VAL B 174 17.71 -3.02 5.90
CA VAL B 174 18.64 -4.08 6.29
C VAL B 174 18.26 -4.65 7.65
N ILE B 175 17.93 -3.78 8.60
CA ILE B 175 17.52 -4.23 9.93
C ILE B 175 16.23 -5.03 9.85
N SER B 176 15.27 -4.57 9.04
CA SER B 176 14.01 -5.30 8.91
C SER B 176 14.25 -6.70 8.33
N LEU B 177 15.12 -6.81 7.32
CA LEU B 177 15.46 -8.12 6.79
C LEU B 177 16.11 -9.00 7.84
N ALA B 178 17.04 -8.45 8.62
CA ALA B 178 17.66 -9.22 9.69
C ALA B 178 16.61 -9.68 10.70
N SER B 179 15.58 -8.87 10.91
CA SER B 179 14.52 -9.26 11.85
C SER B 179 13.69 -10.40 11.30
N VAL B 180 13.24 -10.29 10.06
CA VAL B 180 12.38 -11.33 9.49
C VAL B 180 13.14 -12.63 9.29
N SER B 181 14.44 -12.57 9.04
CA SER B 181 15.22 -13.81 8.95
C SER B 181 15.16 -14.59 10.26
N VAL B 182 15.32 -13.90 11.39
CA VAL B 182 15.24 -14.59 12.67
C VAL B 182 13.81 -14.99 12.96
N ALA B 183 12.83 -14.23 12.46
CA ALA B 183 11.44 -14.63 12.61
C ALA B 183 11.18 -15.96 11.93
N PHE B 184 11.76 -16.15 10.74
CA PHE B 184 11.58 -17.41 10.02
C PHE B 184 12.20 -18.57 10.79
N LEU B 185 13.36 -18.36 11.41
CA LEU B 185 14.05 -19.45 12.09
C LEU B 185 13.17 -20.08 13.16
N PHE B 186 12.46 -19.25 13.94
CA PHE B 186 11.60 -19.79 14.98
C PHE B 186 10.36 -20.46 14.40
N SER B 187 10.14 -20.35 13.09
CA SER B 187 8.99 -20.99 12.46
C SER B 187 9.23 -22.44 12.09
N LEU B 188 10.45 -22.93 12.20
CA LEU B 188 10.72 -24.35 11.96
C LEU B 188 10.48 -25.19 13.20
N PHE B 189 10.39 -24.57 14.37
CA PHE B 189 10.43 -25.28 15.64
C PHE B 189 9.05 -25.55 16.25
N LEU B 190 7.99 -25.04 15.66
CA LEU B 190 6.67 -25.34 16.20
C LEU B 190 6.38 -26.83 16.06
N PRO B 191 5.56 -27.41 16.93
CA PRO B 191 5.10 -28.79 16.68
C PRO B 191 4.06 -28.81 15.57
N MET B 192 4.12 -29.85 14.74
CA MET B 192 3.14 -30.01 13.68
C MET B 192 1.81 -30.43 14.29
N PRO B 193 0.74 -29.66 14.13
CA PRO B 193 -0.54 -30.06 14.74
C PRO B 193 -0.96 -31.44 14.24
N LYS B 194 -1.38 -32.28 15.18
CA LYS B 194 -1.84 -33.61 14.82
C LYS B 194 -3.23 -33.57 14.19
N LYS B 195 -3.90 -32.42 14.23
CA LYS B 195 -5.29 -32.32 13.79
C LYS B 195 -5.52 -30.94 13.20
N SER B 196 -6.75 -30.68 12.77
CA SER B 196 -7.11 -29.38 12.22
C SER B 196 -8.61 -29.17 12.34
N MET B 197 -9.05 -27.98 11.93
CA MET B 197 -10.44 -27.59 12.16
C MET B 197 -11.41 -28.46 11.37
N PHE B 198 -11.19 -28.59 10.06
CA PHE B 198 -12.23 -29.04 9.16
C PHE B 198 -11.90 -30.35 8.45
N PHE B 199 -10.70 -30.50 7.89
CA PHE B 199 -10.42 -31.63 7.01
C PHE B 199 -9.54 -32.69 7.65
N HIS B 200 -8.85 -32.38 8.75
CA HIS B 200 -8.09 -33.37 9.51
C HIS B 200 -8.68 -33.56 10.89
N ALA B 201 -9.84 -32.97 11.15
CA ALA B 201 -10.48 -33.07 12.46
C ALA B 201 -10.95 -34.49 12.74
N GLU B 271 -22.15 -21.62 6.58
CA GLU B 271 -23.47 -21.08 6.29
C GLU B 271 -24.16 -20.62 7.57
N CYS B 272 -23.37 -20.37 8.63
CA CYS B 272 -23.93 -19.90 9.90
C CYS B 272 -24.44 -18.48 9.83
N TYR B 273 -24.12 -17.76 8.75
CA TYR B 273 -24.67 -16.42 8.57
C TYR B 273 -26.19 -16.40 8.60
N SER B 274 -26.84 -17.56 8.58
CA SER B 274 -28.30 -17.61 8.66
C SER B 274 -28.83 -16.67 9.73
N SER B 275 -27.98 -16.37 10.70
CA SER B 275 -28.35 -15.41 11.71
C SER B 275 -28.26 -14.09 11.00
N LYS B 276 -29.27 -13.24 11.10
CA LYS B 276 -29.27 -12.01 10.32
C LYS B 276 -28.43 -10.92 10.95
N ARG B 277 -28.44 -10.80 12.29
CA ARG B 277 -27.66 -9.76 12.95
C ARG B 277 -26.17 -9.95 12.71
N LEU B 278 -25.71 -11.20 12.71
CA LEU B 278 -24.32 -11.47 12.36
C LEU B 278 -24.00 -10.91 10.98
N PHE B 279 -24.95 -10.97 10.04
CA PHE B 279 -24.70 -10.43 8.71
C PHE B 279 -24.50 -8.92 8.76
N TYR B 280 -25.33 -8.22 9.53
CA TYR B 280 -25.17 -6.77 9.68
C TYR B 280 -23.80 -6.43 10.25
N TRP B 281 -23.43 -7.09 11.36
CA TRP B 281 -22.13 -6.80 11.95
C TRP B 281 -21.00 -7.14 10.99
N SER B 282 -21.13 -8.22 10.23
CA SER B 282 -20.09 -8.60 9.29
C SER B 282 -19.97 -7.59 8.16
N LEU B 283 -21.09 -7.07 7.67
CA LEU B 283 -21.04 -6.04 6.64
C LEU B 283 -20.29 -4.82 7.15
N TRP B 284 -20.62 -4.36 8.36
CA TRP B 284 -19.91 -3.20 8.88
C TRP B 284 -18.42 -3.50 9.07
N TRP B 285 -18.10 -4.69 9.59
CA TRP B 285 -16.70 -5.05 9.77
C TRP B 285 -15.96 -5.04 8.44
N ALA B 286 -16.55 -5.62 7.41
CA ALA B 286 -15.89 -5.72 6.10
C ALA B 286 -15.69 -4.34 5.49
N PHE B 287 -16.73 -3.50 5.51
CA PHE B 287 -16.61 -2.18 4.91
C PHE B 287 -15.57 -1.34 5.66
N ALA B 288 -15.61 -1.35 6.99
CA ALA B 288 -14.64 -0.58 7.75
C ALA B 288 -13.23 -1.09 7.50
N THR B 289 -13.04 -2.41 7.42
CA THR B 289 -11.72 -2.95 7.17
C THR B 289 -11.21 -2.56 5.80
N ALA B 290 -12.09 -2.58 4.78
CA ALA B 290 -11.66 -2.17 3.45
C ALA B 290 -11.22 -0.71 3.44
N GLY B 291 -12.02 0.16 4.01
CA GLY B 291 -11.67 1.57 4.08
C GLY B 291 -10.39 1.84 4.84
N PHE B 292 -10.15 1.08 5.91
CA PHE B 292 -8.98 1.31 6.72
C PHE B 292 -7.75 0.76 6.05
N ASN B 293 -7.89 -0.35 5.34
CA ASN B 293 -6.76 -0.93 4.64
C ASN B 293 -6.35 -0.05 3.46
N GLN B 294 -7.32 0.58 2.79
CA GLN B 294 -6.97 1.52 1.72
C GLN B 294 -6.26 2.74 2.27
N VAL B 295 -6.79 3.32 3.35
CA VAL B 295 -6.21 4.54 3.91
C VAL B 295 -4.81 4.27 4.41
N LEU B 296 -4.59 3.14 5.05
CA LEU B 296 -3.27 2.83 5.55
C LEU B 296 -2.31 2.58 4.40
N ASN B 297 -2.80 2.01 3.32
CA ASN B 297 -1.96 1.77 2.15
C ASN B 297 -1.50 3.07 1.51
N TYR B 298 -2.38 4.07 1.46
CA TYR B 298 -2.07 5.32 0.78
C TYR B 298 -1.94 6.53 1.70
N VAL B 299 -1.57 6.33 2.97
CA VAL B 299 -1.38 7.48 3.86
C VAL B 299 0.00 8.09 3.68
N GLN B 300 1.05 7.25 3.67
CA GLN B 300 2.41 7.78 3.66
C GLN B 300 2.65 8.67 2.45
N ILE B 301 1.99 8.37 1.33
CA ILE B 301 2.17 9.20 0.15
C ILE B 301 1.62 10.60 0.39
N LEU B 302 0.54 10.72 1.15
CA LEU B 302 0.03 12.04 1.49
C LEU B 302 1.04 12.83 2.31
N TRP B 303 1.67 12.19 3.29
CA TRP B 303 2.68 12.86 4.10
C TRP B 303 3.86 13.29 3.24
N ASP B 304 4.24 12.49 2.25
CA ASP B 304 5.41 12.83 1.42
C ASP B 304 5.10 13.94 0.43
N TYR B 305 3.84 14.16 0.12
CA TYR B 305 3.46 15.25 -0.78
C TYR B 305 3.20 16.55 -0.04
N LYS B 306 2.84 16.48 1.23
CA LYS B 306 2.58 17.68 2.03
C LYS B 306 3.84 18.16 2.70
N ALA B 307 4.81 17.26 2.87
CA ALA B 307 6.10 17.62 3.46
C ALA B 307 7.15 16.69 2.88
N PRO B 308 7.64 16.97 1.68
CA PRO B 308 8.56 16.04 1.02
C PRO B 308 9.79 15.77 1.88
N SER B 309 10.22 14.51 1.90
CA SER B 309 11.36 14.12 2.71
C SER B 309 12.68 14.68 2.19
N GLN B 310 12.68 15.23 0.99
CA GLN B 310 13.93 15.69 0.37
C GLN B 310 14.44 16.99 0.95
N ASP B 311 13.57 17.75 1.60
CA ASP B 311 13.98 19.05 2.13
C ASP B 311 13.29 19.42 3.45
N SER B 312 12.65 18.48 4.13
CA SER B 312 11.95 18.79 5.37
C SER B 312 12.07 17.63 6.34
N SER B 313 11.84 17.92 7.62
CA SER B 313 11.87 16.90 8.65
C SER B 313 10.63 16.03 8.55
N ILE B 314 10.81 14.71 8.63
CA ILE B 314 9.72 13.76 8.49
C ILE B 314 9.66 12.93 9.78
N TYR B 315 8.46 12.81 10.35
CA TYR B 315 8.25 12.18 11.64
C TYR B 315 7.33 10.97 11.54
N ASN B 316 7.52 10.14 10.52
CA ASN B 316 6.61 9.02 10.30
C ASN B 316 6.68 7.95 11.37
N GLY B 317 7.88 7.66 11.86
CA GLY B 317 7.99 6.58 12.84
C GLY B 317 7.28 6.89 14.14
N ALA B 318 7.51 8.08 14.69
CA ALA B 318 6.89 8.44 15.95
C ALA B 318 5.39 8.53 15.82
N VAL B 319 4.90 9.12 14.72
CA VAL B 319 3.46 9.23 14.52
C VAL B 319 2.83 7.85 14.42
N GLU B 320 3.51 6.93 13.76
CA GLU B 320 2.98 5.59 13.60
C GLU B 320 2.94 4.88 14.93
N ALA B 321 3.99 5.03 15.71
CA ALA B 321 4.03 4.40 17.03
C ALA B 321 2.91 4.94 17.92
N ILE B 322 2.73 6.26 17.92
CA ILE B 322 1.70 6.84 18.78
C ILE B 322 0.31 6.43 18.29
N ALA B 323 0.11 6.35 16.98
CA ALA B 323 -1.18 5.90 16.47
C ALA B 323 -1.47 4.47 16.89
N THR B 324 -0.47 3.59 16.81
CA THR B 324 -0.67 2.21 17.25
C THR B 324 -0.95 2.14 18.74
N PHE B 325 -0.24 2.92 19.55
CA PHE B 325 -0.48 2.91 20.99
C PHE B 325 -1.87 3.42 21.30
N GLY B 326 -2.32 4.48 20.61
CA GLY B 326 -3.68 4.95 20.80
C GLY B 326 -4.70 3.91 20.41
N GLY B 327 -4.45 3.19 19.32
CA GLY B 327 -5.34 2.10 18.96
C GLY B 327 -5.40 1.01 20.01
N ALA B 328 -4.23 0.67 20.58
CA ALA B 328 -4.20 -0.34 21.64
C ALA B 328 -4.98 0.10 22.86
N VAL B 329 -4.82 1.36 23.27
CA VAL B 329 -5.56 1.86 24.43
C VAL B 329 -7.05 1.88 24.13
N ALA B 330 -7.43 2.25 22.90
CA ALA B 330 -8.83 2.23 22.53
C ALA B 330 -9.41 0.81 22.58
N ALA B 331 -8.65 -0.16 22.06
CA ALA B 331 -9.11 -1.55 22.10
C ALA B 331 -9.29 -2.02 23.53
N PHE B 332 -8.34 -1.76 24.40
CA PHE B 332 -8.53 -2.16 25.79
C PHE B 332 -9.73 -1.45 26.38
N ALA B 333 -9.83 -0.14 26.19
CA ALA B 333 -10.92 0.59 26.82
C ALA B 333 -12.27 0.01 26.42
N VAL B 334 -12.45 -0.31 25.14
CA VAL B 334 -13.71 -0.93 24.73
C VAL B 334 -13.93 -2.26 25.44
N GLY B 335 -12.86 -3.03 25.66
CA GLY B 335 -12.96 -4.29 26.37
C GLY B 335 -13.36 -4.12 27.82
N TYR B 336 -12.83 -3.10 28.48
CA TYR B 336 -13.16 -2.88 29.88
C TYR B 336 -14.58 -2.38 30.06
N VAL B 337 -14.88 -1.20 29.50
CA VAL B 337 -16.16 -0.56 29.76
C VAL B 337 -17.28 -1.53 29.42
N LYS B 338 -18.23 -1.68 30.34
CA LYS B 338 -19.36 -2.60 30.19
C LYS B 338 -20.58 -1.80 29.77
N VAL B 339 -21.13 -2.10 28.59
CA VAL B 339 -22.29 -1.41 28.08
C VAL B 339 -23.06 -2.36 27.18
N ASN B 340 -24.40 -2.27 27.24
CA ASN B 340 -25.27 -3.17 26.46
C ASN B 340 -25.16 -2.85 25.02
N TRP B 341 -24.26 -3.53 24.34
CA TRP B 341 -23.99 -3.19 22.95
C TRP B 341 -25.15 -3.49 22.02
N ASP B 342 -26.13 -4.28 22.44
CA ASP B 342 -27.28 -4.53 21.57
C ASP B 342 -28.07 -3.26 21.30
N LEU B 343 -27.84 -2.20 22.08
CA LEU B 343 -28.48 -0.91 21.87
C LEU B 343 -27.51 0.18 21.43
N LEU B 344 -26.30 0.18 21.98
CA LEU B 344 -25.34 1.25 21.71
C LEU B 344 -24.36 0.93 20.58
N GLY B 345 -24.36 -0.30 20.08
CA GLY B 345 -23.37 -0.66 19.07
C GLY B 345 -23.54 0.13 17.79
N GLU B 346 -24.77 0.22 17.29
CA GLU B 346 -25.01 0.97 16.05
C GLU B 346 -24.69 2.45 16.22
N LEU B 347 -25.09 3.04 17.35
CA LEU B 347 -24.82 4.44 17.59
C LEU B 347 -23.33 4.71 17.64
N ALA B 348 -22.58 3.86 18.36
CA ALA B 348 -21.14 4.06 18.44
C ALA B 348 -20.49 3.86 17.09
N LEU B 349 -20.96 2.88 16.31
CA LEU B 349 -20.37 2.66 14.99
C LEU B 349 -20.61 3.86 14.09
N VAL B 350 -21.82 4.44 14.12
CA VAL B 350 -22.10 5.62 13.31
C VAL B 350 -21.23 6.79 13.74
N VAL B 351 -21.13 7.01 15.05
CA VAL B 351 -20.35 8.14 15.55
C VAL B 351 -18.88 7.99 15.16
N PHE B 352 -18.33 6.78 15.29
CA PHE B 352 -16.94 6.59 14.92
C PHE B 352 -16.71 6.63 13.42
N SER B 353 -17.68 6.22 12.61
CA SER B 353 -17.55 6.41 11.17
C SER B 353 -17.51 7.90 10.82
N VAL B 354 -18.38 8.69 11.43
CA VAL B 354 -18.38 10.13 11.18
C VAL B 354 -17.05 10.74 11.62
N VAL B 355 -16.54 10.29 12.77
CA VAL B 355 -15.24 10.78 13.22
C VAL B 355 -14.14 10.43 12.23
N ASN B 356 -14.15 9.21 11.69
CA ASN B 356 -13.15 8.81 10.70
C ASN B 356 -13.27 9.59 9.39
N ALA B 357 -14.48 9.94 8.98
CA ALA B 357 -14.65 10.76 7.78
C ALA B 357 -14.14 12.18 8.02
N GLY B 358 -14.53 12.78 9.14
CA GLY B 358 -14.07 14.12 9.43
C GLY B 358 -12.56 14.20 9.59
N SER B 359 -11.97 13.20 10.24
CA SER B 359 -10.52 13.19 10.40
C SER B 359 -9.80 13.02 9.08
N LEU B 360 -10.35 12.21 8.17
CA LEU B 360 -9.75 12.09 6.84
C LEU B 360 -9.84 13.41 6.07
N PHE B 361 -10.98 14.10 6.16
CA PHE B 361 -11.09 15.40 5.51
C PHE B 361 -10.09 16.39 6.09
N LEU B 362 -9.90 16.38 7.41
CA LEU B 362 -8.89 17.24 8.02
C LEU B 362 -7.49 16.87 7.54
N MET B 363 -7.23 15.57 7.43
CA MET B 363 -5.92 15.11 6.98
C MET B 363 -5.68 15.49 5.52
N HIS B 364 -6.75 15.65 4.74
CA HIS B 364 -6.61 16.03 3.34
C HIS B 364 -6.45 17.54 3.17
N TYR B 365 -7.43 18.31 3.63
CA TYR B 365 -7.49 19.73 3.29
C TYR B 365 -6.31 20.52 3.84
N THR B 366 -5.93 20.29 5.09
CA THR B 366 -4.96 21.14 5.75
C THR B 366 -3.59 21.02 5.10
N ALA B 367 -2.95 22.16 4.86
CA ALA B 367 -1.59 22.16 4.30
C ALA B 367 -0.55 21.91 5.38
N ASN B 368 -0.84 22.27 6.62
CA ASN B 368 0.11 22.03 7.71
C ASN B 368 0.31 20.54 7.86
N ILE B 369 1.54 20.12 8.10
CA ILE B 369 1.82 18.70 8.25
C ILE B 369 1.38 18.19 9.61
N TRP B 370 1.53 18.98 10.67
CA TRP B 370 1.19 18.50 12.00
C TRP B 370 -0.30 18.20 12.12
N ALA B 371 -1.14 19.03 11.50
CA ALA B 371 -2.57 18.71 11.46
C ALA B 371 -2.81 17.41 10.70
N CYS B 372 -2.01 17.12 9.69
CA CYS B 372 -2.14 15.87 8.96
C CYS B 372 -1.81 14.68 9.88
N TYR B 373 -0.76 14.79 10.69
CA TYR B 373 -0.44 13.73 11.64
C TYR B 373 -1.56 13.57 12.68
N ALA B 374 -2.09 14.68 13.19
CA ALA B 374 -3.15 14.59 14.20
C ALA B 374 -4.40 13.95 13.62
N GLY B 375 -4.76 14.31 12.38
CA GLY B 375 -5.89 13.66 11.74
C GLY B 375 -5.68 12.17 11.59
N TYR B 376 -4.45 11.75 11.27
CA TYR B 376 -4.16 10.32 11.16
C TYR B 376 -4.37 9.67 12.48
N LEU B 377 -3.80 10.25 13.52
CA LEU B 377 -3.90 9.67 14.85
C LEU B 377 -5.36 9.47 15.25
N ILE B 378 -6.18 10.51 15.07
CA ILE B 378 -7.60 10.39 15.40
C ILE B 378 -8.24 9.31 14.55
N PHE B 379 -7.90 9.25 13.26
CA PHE B 379 -8.47 8.24 12.39
C PHE B 379 -8.19 6.84 12.92
N LYS B 380 -6.93 6.56 13.24
CA LYS B 380 -6.58 5.21 13.66
C LYS B 380 -7.24 4.86 14.98
N SER B 381 -7.27 5.78 15.93
CA SER B 381 -7.90 5.49 17.21
C SER B 381 -9.39 5.20 17.04
N SER B 382 -10.09 6.05 16.28
CA SER B 382 -11.52 5.84 16.09
C SER B 382 -11.79 4.53 15.36
N TYR B 383 -10.98 4.21 14.35
CA TYR B 383 -11.17 2.96 13.64
C TYR B 383 -10.97 1.77 14.58
N MET B 384 -9.98 1.84 15.46
CA MET B 384 -9.77 0.74 16.39
C MET B 384 -10.96 0.56 17.32
N LEU B 385 -11.52 1.66 17.85
CA LEU B 385 -12.73 1.53 18.65
C LEU B 385 -13.85 0.86 17.86
N LEU B 386 -14.08 1.34 16.65
CA LEU B 386 -15.15 0.81 15.81
C LEU B 386 -14.96 -0.69 15.58
N ILE B 387 -13.74 -1.08 15.19
CA ILE B 387 -13.49 -2.46 14.82
C ILE B 387 -13.57 -3.36 16.05
N THR B 388 -13.13 -2.90 17.21
CA THR B 388 -13.25 -3.73 18.40
C THR B 388 -14.72 -3.95 18.76
N ILE B 389 -15.55 -2.91 18.68
CA ILE B 389 -16.97 -3.13 18.94
C ILE B 389 -17.54 -4.14 17.94
N ALA B 390 -17.20 -3.98 16.66
CA ALA B 390 -17.75 -4.86 15.63
C ALA B 390 -17.30 -6.31 15.85
N VAL B 391 -16.03 -6.50 16.19
CA VAL B 391 -15.53 -7.85 16.43
C VAL B 391 -16.20 -8.47 17.64
N PHE B 392 -16.39 -7.69 18.72
CA PHE B 392 -17.07 -8.23 19.88
C PHE B 392 -18.47 -8.70 19.52
N GLN B 393 -19.20 -7.88 18.76
CA GLN B 393 -20.58 -8.24 18.47
C GLN B 393 -20.68 -9.50 17.61
N ILE B 394 -19.76 -9.67 16.65
CA ILE B 394 -19.82 -10.84 15.77
C ILE B 394 -19.50 -12.11 16.54
N ALA B 395 -18.41 -12.08 17.32
CA ALA B 395 -17.83 -13.32 17.85
C ALA B 395 -18.49 -13.77 19.13
N VAL B 396 -19.45 -13.00 19.66
CA VAL B 396 -20.02 -13.32 20.96
C VAL B 396 -20.91 -14.55 20.89
N ASN B 397 -21.33 -14.98 19.71
CA ASN B 397 -22.21 -16.13 19.63
C ASN B 397 -21.63 -17.30 18.86
N LEU B 398 -20.47 -17.13 18.24
CA LEU B 398 -19.91 -18.14 17.37
C LEU B 398 -19.02 -19.11 18.13
N ASN B 399 -19.05 -20.38 17.72
CA ASN B 399 -18.20 -21.38 18.32
C ASN B 399 -16.77 -21.11 17.95
N VAL B 400 -15.83 -21.79 18.57
CA VAL B 400 -14.43 -21.64 18.18
C VAL B 400 -14.21 -22.16 16.77
N GLU B 401 -14.94 -23.19 16.38
CA GLU B 401 -14.75 -23.79 15.06
C GLU B 401 -15.20 -22.85 13.95
N ARG B 402 -16.33 -22.15 14.14
CA ARG B 402 -16.84 -21.28 13.08
C ARG B 402 -16.06 -19.99 12.94
N TYR B 403 -15.24 -19.62 13.92
CA TYR B 403 -14.50 -18.36 13.83
C TYR B 403 -13.69 -18.31 12.55
N ALA B 404 -12.94 -19.38 12.27
CA ALA B 404 -12.02 -19.35 11.14
C ALA B 404 -12.75 -19.06 9.84
N LEU B 405 -13.79 -19.85 9.57
CA LEU B 405 -14.54 -19.70 8.32
C LEU B 405 -15.24 -18.36 8.25
N VAL B 406 -15.90 -17.95 9.32
CA VAL B 406 -16.66 -16.71 9.32
C VAL B 406 -15.74 -15.52 9.05
N PHE B 407 -14.61 -15.45 9.76
CA PHE B 407 -13.70 -14.35 9.55
C PHE B 407 -12.97 -14.45 8.21
N GLY B 408 -12.77 -15.65 7.69
CA GLY B 408 -12.23 -15.77 6.34
C GLY B 408 -13.16 -15.18 5.31
N ILE B 409 -14.45 -15.50 5.40
CA ILE B 409 -15.41 -14.93 4.46
C ILE B 409 -15.50 -13.42 4.64
N ASN B 410 -15.43 -12.93 5.86
CA ASN B 410 -15.54 -11.50 6.11
C ASN B 410 -14.34 -10.75 5.55
N THR B 411 -13.14 -11.30 5.68
CA THR B 411 -11.97 -10.66 5.09
C THR B 411 -11.98 -10.81 3.57
N PHE B 412 -12.57 -11.88 3.04
CA PHE B 412 -12.66 -12.02 1.59
C PHE B 412 -13.59 -10.96 1.00
N ILE B 413 -14.74 -10.72 1.63
CA ILE B 413 -15.62 -9.66 1.16
C ILE B 413 -14.92 -8.32 1.27
N ALA B 414 -14.19 -8.11 2.37
CA ALA B 414 -13.44 -6.86 2.52
C ALA B 414 -12.45 -6.67 1.39
N LEU B 415 -11.75 -7.73 1.01
CA LEU B 415 -10.77 -7.62 -0.06
C LEU B 415 -11.44 -7.42 -1.41
N VAL B 416 -12.58 -8.05 -1.66
CA VAL B 416 -13.29 -7.79 -2.90
C VAL B 416 -13.66 -6.32 -3.00
N ILE B 417 -14.20 -5.76 -1.92
CA ILE B 417 -14.57 -4.34 -1.92
C ILE B 417 -13.35 -3.47 -2.14
N GLN B 418 -12.25 -3.78 -1.45
CA GLN B 418 -11.04 -2.99 -1.58
C GLN B 418 -10.50 -3.06 -3.00
N THR B 419 -10.52 -4.24 -3.62
CA THR B 419 -10.04 -4.37 -4.99
C THR B 419 -10.91 -3.57 -5.94
N ILE B 420 -12.22 -3.64 -5.79
CA ILE B 420 -13.11 -2.88 -6.66
C ILE B 420 -12.80 -1.39 -6.56
N MET B 421 -12.69 -0.88 -5.32
CA MET B 421 -12.49 0.55 -5.17
C MET B 421 -11.10 0.97 -5.64
N THR B 422 -10.08 0.11 -5.43
CA THR B 422 -8.75 0.42 -5.93
C THR B 422 -8.73 0.48 -7.45
N VAL B 423 -9.38 -0.49 -8.10
CA VAL B 423 -9.43 -0.49 -9.57
C VAL B 423 -10.11 0.77 -10.06
N ILE B 424 -11.24 1.13 -9.44
CA ILE B 424 -12.01 2.27 -9.93
C ILE B 424 -11.24 3.57 -9.73
N VAL B 425 -10.59 3.72 -8.57
CA VAL B 425 -10.07 5.04 -8.18
C VAL B 425 -8.59 5.17 -8.54
N VAL B 426 -7.75 4.26 -8.06
CA VAL B 426 -6.31 4.47 -8.04
C VAL B 426 -5.64 3.90 -9.28
N ASP B 427 -6.09 2.74 -9.74
CA ASP B 427 -5.39 2.07 -10.84
C ASP B 427 -5.20 2.90 -12.07
N GLN B 428 -4.09 2.69 -12.75
CA GLN B 428 -3.86 3.39 -14.00
C GLN B 428 -4.88 3.02 -15.07
N ARG B 429 -5.58 1.89 -14.90
CA ARG B 429 -6.64 1.48 -15.80
C ARG B 429 -8.00 2.00 -15.37
N GLY B 430 -8.04 2.94 -14.43
CA GLY B 430 -9.27 3.58 -14.01
C GLY B 430 -9.11 5.08 -14.01
N LEU B 431 -9.68 5.72 -12.99
CA LEU B 431 -9.61 7.18 -12.90
C LEU B 431 -8.18 7.67 -12.77
N ASN B 432 -7.31 6.92 -12.12
CA ASN B 432 -5.92 7.31 -11.95
C ASN B 432 -5.84 8.65 -11.24
N LEU B 433 -6.39 8.72 -10.04
CA LEU B 433 -6.34 9.94 -9.24
C LEU B 433 -5.01 10.03 -8.50
N PRO B 434 -4.48 11.24 -8.31
CA PRO B 434 -3.28 11.40 -7.48
C PRO B 434 -3.62 11.40 -6.00
N VAL B 435 -2.58 11.21 -5.19
CA VAL B 435 -2.79 11.06 -3.75
C VAL B 435 -3.44 12.29 -3.15
N SER B 436 -3.26 13.46 -3.77
CA SER B 436 -3.81 14.69 -3.23
C SER B 436 -5.33 14.73 -3.25
N ILE B 437 -5.98 13.92 -4.10
CA ILE B 437 -7.43 13.95 -4.23
C ILE B 437 -8.03 12.63 -3.79
N GLN B 438 -7.20 11.61 -3.60
CA GLN B 438 -7.70 10.31 -3.18
C GLN B 438 -8.37 10.40 -1.82
N PHE B 439 -7.80 11.16 -0.90
CA PHE B 439 -8.33 11.19 0.45
C PHE B 439 -9.66 11.90 0.54
N LEU B 440 -9.97 12.80 -0.39
CA LEU B 440 -11.32 13.33 -0.47
C LEU B 440 -12.31 12.20 -0.75
N VAL B 441 -11.97 11.32 -1.70
CA VAL B 441 -12.83 10.19 -2.00
C VAL B 441 -12.95 9.27 -0.79
N TYR B 442 -11.84 9.02 -0.10
CA TYR B 442 -11.89 8.12 1.06
C TYR B 442 -12.74 8.72 2.19
N GLY B 443 -12.59 10.02 2.45
CA GLY B 443 -13.44 10.65 3.43
C GLY B 443 -14.91 10.58 3.06
N SER B 444 -15.22 10.83 1.78
CA SER B 444 -16.60 10.70 1.35
C SER B 444 -17.09 9.27 1.53
N TYR B 445 -16.21 8.30 1.28
CA TYR B 445 -16.57 6.89 1.42
C TYR B 445 -16.93 6.56 2.86
N PHE B 446 -16.12 7.03 3.81
CA PHE B 446 -16.44 6.78 5.21
C PHE B 446 -17.69 7.51 5.66
N ALA B 447 -17.89 8.75 5.19
CA ALA B 447 -19.11 9.46 5.52
C ALA B 447 -20.34 8.72 4.98
N VAL B 448 -20.24 8.19 3.76
CA VAL B 448 -21.36 7.44 3.19
C VAL B 448 -21.60 6.16 3.96
N ILE B 449 -20.53 5.48 4.39
CA ILE B 449 -20.69 4.30 5.23
C ILE B 449 -21.47 4.67 6.48
N ALA B 450 -21.12 5.79 7.10
CA ALA B 450 -21.86 6.23 8.28
C ALA B 450 -23.31 6.50 7.96
N GLY B 451 -23.56 7.19 6.83
CA GLY B 451 -24.90 7.68 6.56
C GLY B 451 -25.86 6.63 6.03
N ILE B 452 -25.32 5.54 5.46
CA ILE B 452 -26.20 4.54 4.88
C ILE B 452 -27.03 3.83 5.95
N PHE B 453 -26.45 3.63 7.14
CA PHE B 453 -27.10 2.82 8.16
C PHE B 453 -28.15 3.60 8.96
N LEU B 454 -28.29 4.91 8.72
CA LEU B 454 -29.13 5.75 9.56
C LEU B 454 -30.54 5.92 9.01
N MET B 455 -30.90 5.27 7.91
CA MET B 455 -32.15 5.58 7.23
C MET B 455 -33.34 4.94 7.94
N ARG B 456 -34.52 5.11 7.34
CA ARG B 456 -35.80 4.73 7.94
C ARG B 456 -36.09 5.55 9.19
N SER B 457 -36.25 6.88 9.03
CA SER B 457 -36.40 7.78 10.16
C SER B 457 -37.79 8.38 10.34
N MET B 458 -38.64 8.44 9.32
CA MET B 458 -40.06 8.73 9.50
C MET B 458 -40.86 7.59 8.88
N TYR B 459 -42.13 7.53 9.23
CA TYR B 459 -42.97 6.39 8.89
C TYR B 459 -42.42 5.10 9.49
#